data_6JVO
#
_entry.id   6JVO
#
_cell.length_a   58.978
_cell.length_b   68.185
_cell.length_c   78.901
_cell.angle_alpha   90.000
_cell.angle_beta   90.000
_cell.angle_gamma   90.000
#
_symmetry.space_group_name_H-M   'P 21 21 21'
#
loop_
_entity.id
_entity.type
_entity.pdbx_description
1 polymer '7,8-dihydro-8-oxoguanine triphosphatase'
2 non-polymer N4-cyclopropyl-6-(4-methylpiperazin-1-yl)pyrimidine-2,4-diamine
3 water water
#
_entity_poly.entity_id   1
_entity_poly.type   'polypeptide(L)'
_entity_poly.pdbx_seq_one_letter_code
;GASRLYTLVLVLQPQRVLLGMKKRGFGAGRWNGFGGKVQEGETIEDGARRELQEESGLTVDALHKVGQIVFEFVGEPELM
DVHVFCTDSIQGTPVESDEMRPCWFQLDQIPFKDMWPDDSYWFPLLLQKKKFHGYFKFQGQDTILDYTLREVDTV
;
_entity_poly.pdbx_strand_id   A,B
#
# COMPACT_ATOMS: atom_id res chain seq x y z
N ALA A 2 20.49 2.19 2.90
CA ALA A 2 21.07 0.88 2.68
C ALA A 2 20.10 -0.18 3.15
N SER A 3 20.20 -1.36 2.54
CA SER A 3 19.33 -2.48 2.86
C SER A 3 20.15 -3.75 2.82
N ARG A 4 19.62 -4.78 3.45
CA ARG A 4 20.21 -6.11 3.42
C ARG A 4 19.24 -7.02 2.68
N LEU A 5 19.77 -7.89 1.84
CA LEU A 5 18.94 -8.79 1.03
C LEU A 5 18.54 -10.04 1.80
N TYR A 6 17.24 -10.41 1.71
CA TYR A 6 16.70 -11.64 2.29
C TYR A 6 15.82 -12.32 1.26
N THR A 7 15.57 -13.62 1.48
CA THR A 7 14.65 -14.40 0.67
C THR A 7 13.55 -15.00 1.52
N LEU A 8 12.46 -15.31 0.83
CA LEU A 8 11.31 -15.98 1.40
C LEU A 8 10.68 -16.79 0.29
N VAL A 9 10.43 -18.06 0.54
CA VAL A 9 9.95 -19.02 -0.46
C VAL A 9 8.68 -19.67 0.05
N LEU A 10 7.63 -19.59 -0.77
CA LEU A 10 6.34 -20.21 -0.49
C LEU A 10 6.11 -21.31 -1.51
N VAL A 11 5.92 -22.53 -1.00
CA VAL A 11 5.52 -23.66 -1.83
C VAL A 11 4.00 -23.68 -1.82
N LEU A 12 3.40 -23.23 -2.93
CA LEU A 12 1.96 -23.02 -3.03
C LEU A 12 1.45 -23.94 -4.12
N GLN A 13 0.64 -24.90 -3.73
CA GLN A 13 0.03 -25.88 -4.61
C GLN A 13 -1.47 -25.66 -4.62
N PRO A 14 -2.18 -26.15 -5.67
CA PRO A 14 -3.61 -25.80 -5.86
C PRO A 14 -4.46 -25.73 -4.60
N GLN A 15 -4.29 -26.67 -3.67
CA GLN A 15 -5.14 -26.71 -2.48
C GLN A 15 -4.40 -26.47 -1.17
N ARG A 16 -3.08 -26.21 -1.19
CA ARG A 16 -2.36 -26.17 0.07
C ARG A 16 -1.09 -25.36 -0.08
N VAL A 17 -0.57 -24.88 1.05
CA VAL A 17 0.66 -24.10 1.09
C VAL A 17 1.55 -24.67 2.20
N LEU A 18 2.85 -24.71 1.95
CA LEU A 18 3.80 -25.25 2.92
C LEU A 18 4.35 -24.11 3.79
N LEU A 19 4.24 -24.27 5.10
CA LEU A 19 4.86 -23.30 6.00
C LEU A 19 5.74 -24.05 6.99
N GLY A 20 6.67 -23.31 7.59
CA GLY A 20 7.56 -23.86 8.60
C GLY A 20 7.42 -23.10 9.88
N MET A 21 7.39 -23.82 10.99
CA MET A 21 7.40 -23.20 12.31
C MET A 21 8.85 -22.93 12.67
N LYS A 22 9.20 -21.65 12.83
CA LYS A 22 10.57 -21.27 13.14
C LYS A 22 10.88 -21.67 14.58
N LYS A 23 11.93 -22.48 14.74
CA LYS A 23 12.23 -23.09 16.03
C LYS A 23 13.24 -22.33 16.87
N ARG A 24 13.98 -21.40 16.27
CA ARG A 24 15.02 -20.69 16.99
C ARG A 24 15.33 -19.40 16.23
N GLY A 25 15.94 -18.45 16.94
CA GLY A 25 16.40 -17.25 16.27
C GLY A 25 15.28 -16.25 15.97
N PHE A 26 15.56 -15.38 15.00
CA PHE A 26 14.65 -14.32 14.65
C PHE A 26 13.32 -14.87 14.13
N GLY A 27 12.23 -14.45 14.76
CA GLY A 27 10.91 -14.93 14.39
C GLY A 27 10.56 -16.32 14.91
N ALA A 28 11.33 -16.86 15.85
CA ALA A 28 10.98 -18.13 16.48
C ALA A 28 9.56 -18.07 17.02
N GLY A 29 8.81 -19.17 16.82
CA GLY A 29 7.45 -19.24 17.27
C GLY A 29 6.40 -18.82 16.26
N ARG A 30 6.81 -18.41 15.06
CA ARG A 30 5.87 -18.03 13.99
C ARG A 30 6.04 -18.97 12.81
N TRP A 31 4.91 -19.32 12.19
CA TRP A 31 4.90 -19.99 10.88
C TRP A 31 5.32 -18.98 9.81
N ASN A 32 6.11 -19.45 8.83
CA ASN A 32 6.57 -18.58 7.75
C ASN A 32 6.99 -19.44 6.56
N GLY A 33 7.24 -18.78 5.45
CA GLY A 33 7.92 -19.42 4.33
C GLY A 33 9.36 -19.63 4.70
N PHE A 34 10.13 -20.26 3.80
CA PHE A 34 11.52 -20.59 4.10
C PHE A 34 12.44 -19.54 3.50
N GLY A 35 13.48 -19.16 4.23
CA GLY A 35 14.34 -18.12 3.70
C GLY A 35 15.41 -17.70 4.65
N GLY A 36 16.02 -16.56 4.34
CA GLY A 36 17.15 -16.12 5.14
C GLY A 36 17.97 -15.09 4.39
N LYS A 37 19.14 -14.82 4.94
CA LYS A 37 20.02 -13.82 4.36
C LYS A 37 20.59 -14.32 3.05
N VAL A 38 20.78 -13.41 2.11
CA VAL A 38 21.51 -13.71 0.89
C VAL A 38 22.99 -13.49 1.15
N GLN A 39 23.81 -14.46 0.75
CA GLN A 39 25.25 -14.38 0.99
C GLN A 39 25.98 -13.66 -0.14
N GLU A 40 27.15 -13.14 0.22
CA GLU A 40 28.11 -12.70 -0.78
C GLU A 40 28.46 -13.88 -1.69
N GLY A 41 28.46 -13.65 -2.99
CA GLY A 41 28.86 -14.71 -3.89
C GLY A 41 27.74 -15.58 -4.42
N GLU A 42 26.48 -15.32 -4.05
CA GLU A 42 25.35 -16.07 -4.58
C GLU A 42 24.27 -15.10 -5.05
N THR A 43 23.52 -15.50 -6.08
CA THR A 43 22.38 -14.69 -6.49
C THR A 43 21.26 -14.79 -5.46
N ILE A 44 20.31 -13.86 -5.55
CA ILE A 44 19.14 -13.93 -4.69
C ILE A 44 18.44 -15.27 -4.87
N GLU A 45 18.19 -15.67 -6.12
CA GLU A 45 17.54 -16.95 -6.39
C GLU A 45 18.33 -18.12 -5.81
N ASP A 46 19.65 -18.13 -6.03
CA ASP A 46 20.53 -19.15 -5.43
C ASP A 46 20.34 -19.21 -3.92
N GLY A 47 20.33 -18.05 -3.28
CA GLY A 47 20.15 -18.01 -1.83
C GLY A 47 18.80 -18.59 -1.43
N ALA A 48 17.76 -18.28 -2.21
CA ALA A 48 16.43 -18.80 -1.93
C ALA A 48 16.41 -20.32 -1.97
N ARG A 49 17.01 -20.90 -3.02
CA ARG A 49 17.07 -22.37 -3.11
C ARG A 49 17.90 -22.96 -1.98
N ARG A 50 19.02 -22.31 -1.64
CA ARG A 50 19.86 -22.80 -0.56
C ARG A 50 19.10 -22.85 0.75
N GLU A 51 18.42 -21.75 1.10
CA GLU A 51 17.67 -21.72 2.36
C GLU A 51 16.51 -22.70 2.35
N LEU A 52 15.83 -22.87 1.21
CA LEU A 52 14.77 -23.87 1.15
C LEU A 52 15.31 -25.27 1.45
N GLN A 53 16.46 -25.60 0.86
CA GLN A 53 17.08 -26.90 1.06
C GLN A 53 17.56 -27.08 2.50
N GLU A 54 18.22 -26.06 3.07
CA GLU A 54 18.71 -26.16 4.45
C GLU A 54 17.57 -26.30 5.44
N GLU A 55 16.46 -25.59 5.21
CA GLU A 55 15.41 -25.56 6.21
C GLU A 55 14.38 -26.68 6.06
N SER A 56 14.22 -27.22 4.86
CA SER A 56 13.19 -28.23 4.59
C SER A 56 13.71 -29.45 3.86
N GLY A 57 14.96 -29.47 3.39
CA GLY A 57 15.44 -30.57 2.56
C GLY A 57 14.98 -30.55 1.12
N LEU A 58 14.06 -29.66 0.76
CA LEU A 58 13.45 -29.66 -0.56
C LEU A 58 14.33 -28.96 -1.59
N THR A 59 14.29 -29.47 -2.82
CA THR A 59 14.86 -28.80 -3.97
C THR A 59 13.73 -28.50 -4.94
N VAL A 60 13.98 -27.57 -5.85
CA VAL A 60 12.93 -27.08 -6.73
C VAL A 60 13.47 -26.96 -8.14
N ASP A 61 12.60 -27.18 -9.12
CA ASP A 61 13.00 -27.03 -10.52
C ASP A 61 13.08 -25.56 -10.91
N ALA A 62 12.06 -24.78 -10.57
CA ALA A 62 11.98 -23.38 -10.94
C ALA A 62 11.32 -22.59 -9.81
N LEU A 63 11.91 -21.45 -9.46
CA LEU A 63 11.34 -20.50 -8.52
C LEU A 63 10.85 -19.30 -9.32
N HIS A 64 9.69 -18.75 -8.93
CA HIS A 64 9.12 -17.59 -9.59
C HIS A 64 9.10 -16.41 -8.64
N LYS A 65 9.60 -15.26 -9.10
CA LYS A 65 9.49 -14.04 -8.30
C LYS A 65 8.03 -13.64 -8.19
N VAL A 66 7.54 -13.48 -6.96
CA VAL A 66 6.17 -13.03 -6.76
C VAL A 66 6.10 -11.72 -6.00
N GLY A 67 7.14 -11.31 -5.29
CA GLY A 67 7.00 -10.07 -4.55
C GLY A 67 8.32 -9.54 -4.00
N GLN A 68 8.27 -8.28 -3.57
CA GLN A 68 9.35 -7.67 -2.80
C GLN A 68 8.73 -6.93 -1.64
N ILE A 69 9.26 -7.12 -0.43
CA ILE A 69 8.74 -6.43 0.75
C ILE A 69 9.92 -5.80 1.47
N VAL A 70 9.84 -4.49 1.71
CA VAL A 70 10.88 -3.76 2.45
C VAL A 70 10.38 -3.53 3.87
N PHE A 71 11.22 -3.84 4.84
CA PHE A 71 10.88 -3.67 6.24
C PHE A 71 11.80 -2.64 6.87
N GLU A 72 11.19 -1.71 7.62
CA GLU A 72 11.92 -0.84 8.52
C GLU A 72 11.57 -1.25 9.94
N PHE A 73 12.59 -1.44 10.77
CA PHE A 73 12.44 -1.63 12.21
C PHE A 73 12.95 -0.36 12.86
N VAL A 74 12.10 0.28 13.68
CA VAL A 74 12.44 1.54 14.30
C VAL A 74 13.75 1.39 15.06
N GLY A 75 14.68 2.32 14.84
CA GLY A 75 15.95 2.31 15.51
C GLY A 75 17.01 1.41 14.90
N GLU A 76 16.69 0.66 13.86
CA GLU A 76 17.72 -0.16 13.20
C GLU A 76 18.10 0.47 11.86
N PRO A 77 19.40 0.66 11.62
CA PRO A 77 19.80 1.44 10.43
C PRO A 77 19.54 0.75 9.12
N GLU A 78 19.64 -0.57 9.04
CA GLU A 78 19.52 -1.28 7.77
C GLU A 78 18.07 -1.66 7.51
N LEU A 79 17.59 -1.39 6.31
CA LEU A 79 16.28 -1.90 5.92
C LEU A 79 16.44 -3.36 5.50
N MET A 80 15.38 -4.14 5.67
CA MET A 80 15.36 -5.53 5.21
C MET A 80 14.64 -5.59 3.89
N ASP A 81 15.32 -6.05 2.84
CA ASP A 81 14.74 -6.10 1.50
C ASP A 81 14.49 -7.57 1.16
N VAL A 82 13.24 -8.02 1.33
CA VAL A 82 12.87 -9.43 1.26
C VAL A 82 12.34 -9.70 -0.14
N HIS A 83 13.02 -10.55 -0.88
CA HIS A 83 12.55 -10.99 -2.19
C HIS A 83 11.77 -12.28 -2.02
N VAL A 84 10.51 -12.28 -2.46
CA VAL A 84 9.58 -13.35 -2.22
C VAL A 84 9.42 -14.17 -3.50
N PHE A 85 9.53 -15.49 -3.35
CA PHE A 85 9.43 -16.43 -4.45
C PHE A 85 8.36 -17.47 -4.14
N CYS A 86 7.77 -18.04 -5.19
CA CYS A 86 6.81 -19.11 -5.02
C CYS A 86 7.14 -20.24 -5.98
N THR A 87 6.71 -21.44 -5.62
CA THR A 87 6.78 -22.56 -6.55
C THR A 87 5.61 -23.49 -6.28
N ASP A 88 5.22 -24.23 -7.32
CA ASP A 88 4.19 -25.24 -7.19
C ASP A 88 4.73 -26.66 -7.38
N SER A 89 5.96 -26.81 -7.86
CA SER A 89 6.59 -28.11 -8.05
C SER A 89 7.81 -28.23 -7.15
N ILE A 90 7.78 -29.15 -6.19
CA ILE A 90 8.90 -29.37 -5.30
C ILE A 90 9.45 -30.76 -5.55
N GLN A 91 10.74 -30.92 -5.27
CA GLN A 91 11.43 -32.22 -5.32
C GLN A 91 11.66 -32.67 -3.89
N GLY A 92 11.03 -33.78 -3.51
CA GLY A 92 11.24 -34.41 -2.23
C GLY A 92 10.05 -34.22 -1.30
N THR A 93 10.20 -34.75 -0.10
CA THR A 93 9.24 -34.60 0.98
C THR A 93 9.83 -33.62 1.97
N PRO A 94 9.08 -32.65 2.48
CA PRO A 94 9.67 -31.74 3.47
C PRO A 94 9.95 -32.47 4.77
N VAL A 95 11.10 -32.18 5.36
CA VAL A 95 11.48 -32.76 6.64
C VAL A 95 11.94 -31.65 7.58
N GLU A 96 11.76 -31.88 8.88
CA GLU A 96 12.15 -30.93 9.91
C GLU A 96 13.65 -30.70 9.92
N SER A 97 14.06 -29.46 10.17
CA SER A 97 15.46 -29.07 10.33
C SER A 97 15.65 -28.45 11.72
N ASP A 98 16.89 -28.05 12.04
CA ASP A 98 17.11 -27.35 13.31
C ASP A 98 16.35 -26.02 13.34
N GLU A 99 16.12 -25.42 12.19
CA GLU A 99 15.46 -24.12 12.13
C GLU A 99 13.95 -24.18 11.95
N MET A 100 13.44 -25.18 11.21
CA MET A 100 12.04 -25.16 10.78
C MET A 100 11.38 -26.52 10.95
N ARG A 101 10.12 -26.50 11.39
CA ARG A 101 9.24 -27.68 11.40
C ARG A 101 8.14 -27.50 10.36
N PRO A 102 8.17 -28.23 9.24
CA PRO A 102 7.23 -27.96 8.14
C PRO A 102 5.88 -28.67 8.29
N CYS A 103 4.86 -27.98 7.79
CA CYS A 103 3.52 -28.53 7.71
C CYS A 103 2.77 -27.92 6.54
N TRP A 104 1.90 -28.73 5.93
CA TRP A 104 1.00 -28.24 4.90
C TRP A 104 -0.26 -27.66 5.53
N PHE A 105 -0.75 -26.55 4.96
CA PHE A 105 -1.99 -25.91 5.40
C PHE A 105 -2.95 -25.77 4.24
N GLN A 106 -4.22 -26.13 4.46
CA GLN A 106 -5.25 -25.80 3.48
C GLN A 106 -5.34 -24.29 3.32
N LEU A 107 -5.72 -23.84 2.13
CA LEU A 107 -5.65 -22.40 1.84
C LEU A 107 -6.63 -21.59 2.67
N ASP A 108 -7.70 -22.19 3.19
CA ASP A 108 -8.60 -21.47 4.08
C ASP A 108 -8.27 -21.66 5.56
N GLN A 109 -7.11 -22.23 5.88
CA GLN A 109 -6.73 -22.43 7.28
C GLN A 109 -5.31 -21.92 7.52
N ILE A 110 -4.92 -20.86 6.83
CA ILE A 110 -3.59 -20.28 7.02
C ILE A 110 -3.52 -19.63 8.40
N PRO A 111 -2.50 -20.02 9.30
CA PRO A 111 -2.50 -19.61 10.71
C PRO A 111 -2.04 -18.16 10.93
N PHE A 112 -2.79 -17.21 10.38
CA PHE A 112 -2.32 -15.82 10.34
C PHE A 112 -2.01 -15.28 11.73
N LYS A 113 -2.75 -15.71 12.76
CA LYS A 113 -2.50 -15.21 14.10
C LYS A 113 -1.14 -15.66 14.62
N ASP A 114 -0.58 -16.74 14.07
CA ASP A 114 0.74 -17.25 14.46
C ASP A 114 1.77 -17.03 13.37
N MET A 115 1.61 -15.95 12.60
CA MET A 115 2.55 -15.55 11.56
C MET A 115 2.96 -14.09 11.79
N TRP A 116 3.98 -13.64 11.06
CA TRP A 116 4.35 -12.22 11.09
C TRP A 116 3.14 -11.38 10.70
N PRO A 117 2.86 -10.27 11.41
CA PRO A 117 1.63 -9.51 11.16
C PRO A 117 1.46 -9.01 9.74
N ASP A 118 2.56 -8.78 9.04
CA ASP A 118 2.47 -8.31 7.66
C ASP A 118 1.86 -9.36 6.73
N ASP A 119 1.99 -10.66 7.07
CA ASP A 119 1.52 -11.70 6.16
C ASP A 119 0.04 -11.53 5.84
N SER A 120 -0.75 -11.16 6.86
CA SER A 120 -2.19 -10.98 6.67
C SER A 120 -2.49 -9.97 5.58
N TYR A 121 -1.57 -9.03 5.33
CA TYR A 121 -1.77 -8.01 4.32
C TYR A 121 -1.39 -8.48 2.93
N TRP A 122 -0.26 -9.20 2.78
CA TRP A 122 0.18 -9.48 1.42
C TRP A 122 -0.09 -10.91 0.97
N PHE A 123 -0.33 -11.85 1.89
CA PHE A 123 -0.70 -13.21 1.48
C PHE A 123 -1.87 -13.27 0.52
N PRO A 124 -2.95 -12.49 0.66
CA PRO A 124 -4.02 -12.55 -0.35
C PRO A 124 -3.52 -12.32 -1.76
N LEU A 125 -2.66 -11.33 -1.95
CA LEU A 125 -2.10 -11.10 -3.27
C LEU A 125 -1.30 -12.31 -3.74
N LEU A 126 -0.52 -12.90 -2.84
CA LEU A 126 0.19 -14.12 -3.20
C LEU A 126 -0.79 -15.20 -3.66
N LEU A 127 -1.91 -15.35 -2.95
CA LEU A 127 -2.82 -16.45 -3.26
C LEU A 127 -3.58 -16.20 -4.55
N GLN A 128 -3.78 -14.92 -4.92
CA GLN A 128 -4.40 -14.55 -6.18
C GLN A 128 -3.42 -14.57 -7.33
N LYS A 129 -2.17 -14.98 -7.07
CA LYS A 129 -1.13 -15.03 -8.09
C LYS A 129 -0.87 -13.66 -8.70
N LYS A 130 -0.98 -12.60 -7.89
CA LYS A 130 -0.63 -11.25 -8.32
C LYS A 130 0.69 -10.85 -7.70
N LYS A 131 1.54 -10.20 -8.50
CA LYS A 131 2.83 -9.72 -8.01
C LYS A 131 2.67 -8.42 -7.24
N PHE A 132 3.53 -8.19 -6.25
CA PHE A 132 3.32 -7.08 -5.34
C PHE A 132 4.64 -6.50 -4.85
N HIS A 133 4.58 -5.22 -4.49
CA HIS A 133 5.61 -4.53 -3.73
C HIS A 133 4.99 -4.07 -2.42
N GLY A 134 5.65 -4.37 -1.30
CA GLY A 134 5.17 -3.98 0.00
C GLY A 134 6.26 -3.26 0.78
N TYR A 135 5.80 -2.45 1.74
CA TYR A 135 6.66 -1.75 2.68
C TYR A 135 5.97 -1.77 4.03
N PHE A 136 6.71 -2.17 5.07
CA PHE A 136 6.15 -2.24 6.43
C PHE A 136 7.14 -1.64 7.41
N LYS A 137 6.66 -0.72 8.26
CA LYS A 137 7.46 -0.13 9.32
C LYS A 137 7.02 -0.75 10.64
N PHE A 138 7.95 -1.42 11.32
CA PHE A 138 7.67 -2.12 12.57
C PHE A 138 8.28 -1.37 13.75
N GLN A 139 7.54 -1.34 14.87
CA GLN A 139 8.12 -1.05 16.17
C GLN A 139 8.18 -2.38 16.90
N GLY A 140 9.39 -2.90 17.11
CA GLY A 140 9.45 -4.26 17.66
C GLY A 140 9.00 -5.27 16.61
N GLN A 141 8.54 -6.43 17.09
CA GLN A 141 8.19 -7.51 16.18
C GLN A 141 6.69 -7.70 16.04
N ASP A 142 5.87 -6.96 16.80
CA ASP A 142 4.42 -7.18 16.76
C ASP A 142 3.59 -6.03 16.22
N THR A 143 4.15 -4.83 16.09
CA THR A 143 3.37 -3.62 15.82
C THR A 143 3.77 -3.01 14.49
N ILE A 144 2.83 -2.99 13.54
CA ILE A 144 3.04 -2.29 12.26
C ILE A 144 2.63 -0.83 12.46
N LEU A 145 3.57 0.10 12.23
CA LEU A 145 3.27 1.53 12.36
C LEU A 145 2.79 2.14 11.05
N ASP A 146 3.44 1.80 9.93
CA ASP A 146 3.03 2.29 8.60
C ASP A 146 3.15 1.13 7.63
N TYR A 147 2.42 1.22 6.52
CA TYR A 147 2.71 0.24 5.47
C TYR A 147 2.16 0.75 4.16
N THR A 148 2.70 0.20 3.08
CA THR A 148 2.16 0.37 1.74
C THR A 148 2.17 -0.96 1.04
N LEU A 149 1.21 -1.15 0.13
CA LEU A 149 1.10 -2.40 -0.60
C LEU A 149 0.49 -2.12 -1.97
N ARG A 150 1.15 -2.58 -3.03
CA ARG A 150 0.61 -2.37 -4.36
C ARG A 150 0.94 -3.56 -5.27
N GLU A 151 0.05 -3.83 -6.21
CA GLU A 151 0.33 -4.82 -7.24
C GLU A 151 1.24 -4.22 -8.32
N VAL A 152 2.16 -5.04 -8.84
CA VAL A 152 3.13 -4.60 -9.84
C VAL A 152 3.10 -5.55 -11.02
N ASP A 153 3.66 -5.07 -12.14
CA ASP A 153 3.81 -5.89 -13.34
C ASP A 153 5.14 -6.65 -13.35
N THR A 154 6.19 -6.03 -12.84
CA THR A 154 7.51 -6.64 -12.73
C THR A 154 7.96 -6.51 -11.28
N VAL A 155 8.37 -7.63 -10.68
CA VAL A 155 8.76 -7.61 -9.28
C VAL A 155 10.13 -6.97 -9.11
N GLY B 1 -13.39 6.65 15.49
CA GLY B 1 -14.57 7.38 15.92
C GLY B 1 -15.41 7.87 14.76
N ALA B 2 -16.25 8.86 15.03
CA ALA B 2 -17.13 9.42 14.01
C ALA B 2 -16.31 10.03 12.88
N SER B 3 -16.90 10.08 11.69
CA SER B 3 -16.25 10.67 10.54
C SER B 3 -17.26 11.49 9.74
N ARG B 4 -16.74 12.43 8.98
CA ARG B 4 -17.51 13.28 8.07
C ARG B 4 -17.05 13.03 6.64
N LEU B 5 -17.99 13.04 5.70
CA LEU B 5 -17.68 12.78 4.29
C LEU B 5 -17.22 14.04 3.58
N TYR B 6 -16.14 13.90 2.80
CA TYR B 6 -15.63 14.96 1.95
C TYR B 6 -15.32 14.38 0.59
N THR B 7 -15.22 15.27 -0.39
CA THR B 7 -14.81 14.90 -1.74
C THR B 7 -13.55 15.65 -2.16
N LEU B 8 -12.89 15.04 -3.14
CA LEU B 8 -11.69 15.58 -3.76
C LEU B 8 -11.70 15.12 -5.20
N VAL B 9 -11.58 16.06 -6.12
CA VAL B 9 -11.70 15.82 -7.55
C VAL B 9 -10.43 16.31 -8.23
N LEU B 10 -9.79 15.43 -8.98
CA LEU B 10 -8.59 15.75 -9.75
C LEU B 10 -8.94 15.65 -11.23
N VAL B 11 -8.72 16.74 -11.95
CA VAL B 11 -8.84 16.76 -13.41
C VAL B 11 -7.47 16.41 -13.98
N LEU B 12 -7.35 15.20 -14.48
CA LEU B 12 -6.05 14.66 -14.88
C LEU B 12 -5.97 14.39 -16.38
N VAL B 17 -2.29 18.27 -15.04
CA VAL B 17 -3.35 18.10 -14.02
C VAL B 17 -3.83 19.45 -13.49
N LEU B 18 -5.14 19.55 -13.22
CA LEU B 18 -5.71 20.82 -12.79
C LEU B 18 -5.72 20.86 -11.27
N LEU B 19 -5.13 21.90 -10.70
CA LEU B 19 -5.23 22.07 -9.25
C LEU B 19 -5.80 23.44 -8.95
N GLY B 20 -6.27 23.62 -7.73
CA GLY B 20 -6.80 24.90 -7.28
C GLY B 20 -6.03 25.41 -6.10
N MET B 21 -5.69 26.70 -6.11
CA MET B 21 -5.07 27.34 -4.96
C MET B 21 -6.17 27.82 -4.03
N LYS B 22 -6.19 27.25 -2.82
CA LYS B 22 -7.23 27.53 -1.84
C LYS B 22 -7.05 28.94 -1.28
N LYS B 23 -8.08 29.76 -1.40
CA LYS B 23 -7.95 31.17 -1.05
C LYS B 23 -8.32 31.47 0.39
N ARG B 24 -9.02 30.57 1.07
CA ARG B 24 -9.50 30.84 2.41
C ARG B 24 -9.90 29.54 3.08
N GLY B 25 -9.96 29.57 4.41
CA GLY B 25 -10.43 28.44 5.16
C GLY B 25 -9.39 27.34 5.28
N PHE B 26 -9.89 26.12 5.50
CA PHE B 26 -9.02 24.97 5.71
C PHE B 26 -8.16 24.71 4.49
N GLY B 27 -6.85 24.64 4.70
CA GLY B 27 -5.93 24.42 3.60
C GLY B 27 -5.65 25.63 2.74
N ALA B 28 -6.03 26.83 3.19
CA ALA B 28 -5.69 28.04 2.46
C ALA B 28 -4.19 28.11 2.21
N GLY B 29 -3.83 28.57 1.01
CA GLY B 29 -2.43 28.72 0.65
C GLY B 29 -1.80 27.49 0.05
N ARG B 30 -2.54 26.40 -0.08
CA ARG B 30 -2.04 25.16 -0.66
C ARG B 30 -2.79 24.84 -1.93
N TRP B 31 -2.07 24.32 -2.92
CA TRP B 31 -2.69 23.73 -4.08
C TRP B 31 -3.34 22.40 -3.71
N ASN B 32 -4.53 22.15 -4.27
CA ASN B 32 -5.26 20.91 -4.00
C ASN B 32 -6.24 20.65 -5.13
N GLY B 33 -6.82 19.45 -5.12
CA GLY B 33 -7.96 19.16 -5.95
C GLY B 33 -9.18 19.91 -5.45
N PHE B 34 -10.29 19.75 -6.16
CA PHE B 34 -11.51 20.49 -5.84
C PHE B 34 -12.45 19.61 -5.05
N GLY B 35 -13.10 20.17 -4.04
CA GLY B 35 -13.95 19.31 -3.22
C GLY B 35 -14.49 20.05 -2.03
N GLY B 36 -14.97 19.29 -1.06
CA GLY B 36 -15.58 19.89 0.10
C GLY B 36 -16.46 18.90 0.82
N LYS B 37 -17.28 19.43 1.72
CA LYS B 37 -18.19 18.58 2.49
C LYS B 37 -19.30 18.02 1.61
N VAL B 38 -19.75 16.82 1.95
CA VAL B 38 -20.91 16.19 1.32
C VAL B 38 -22.15 16.57 2.14
N GLN B 39 -23.20 17.01 1.44
CA GLN B 39 -24.42 17.47 2.10
C GLN B 39 -25.40 16.32 2.34
N GLU B 40 -26.27 16.51 3.32
CA GLU B 40 -27.42 15.63 3.48
C GLU B 40 -28.29 15.71 2.22
N GLY B 41 -28.69 14.56 1.69
CA GLY B 41 -29.58 14.58 0.54
C GLY B 41 -28.92 14.48 -0.83
N GLU B 42 -27.60 14.37 -0.91
CA GLU B 42 -26.90 14.19 -2.18
C GLU B 42 -25.97 12.99 -2.06
N THR B 43 -25.74 12.29 -3.18
CA THR B 43 -24.72 11.24 -3.15
C THR B 43 -23.33 11.87 -3.04
N ILE B 44 -22.36 11.04 -2.63
CA ILE B 44 -20.97 11.50 -2.63
C ILE B 44 -20.57 12.01 -4.00
N GLU B 45 -20.89 11.26 -5.05
CA GLU B 45 -20.55 11.71 -6.41
C GLU B 45 -21.23 13.03 -6.75
N ASP B 46 -22.53 13.16 -6.43
CA ASP B 46 -23.23 14.43 -6.61
C ASP B 46 -22.49 15.56 -5.92
N GLY B 47 -22.09 15.34 -4.67
CA GLY B 47 -21.34 16.35 -3.95
C GLY B 47 -20.04 16.73 -4.65
N ALA B 48 -19.34 15.72 -5.21
CA ALA B 48 -18.09 16.00 -5.92
C ALA B 48 -18.33 16.88 -7.14
N ARG B 49 -19.35 16.55 -7.95
CA ARG B 49 -19.63 17.37 -9.12
C ARG B 49 -20.07 18.77 -8.72
N ARG B 50 -20.88 18.88 -7.66
CA ARG B 50 -21.32 20.19 -7.20
C ARG B 50 -20.12 21.05 -6.83
N GLU B 51 -19.19 20.48 -6.06
CA GLU B 51 -18.01 21.24 -5.62
C GLU B 51 -17.09 21.59 -6.79
N LEU B 52 -16.93 20.66 -7.75
CA LEU B 52 -16.14 20.98 -8.93
C LEU B 52 -16.73 22.16 -9.69
N GLN B 53 -18.07 22.17 -9.84
CA GLN B 53 -18.73 23.26 -10.55
C GLN B 53 -18.58 24.58 -9.81
N GLU B 54 -18.82 24.58 -8.48
CA GLU B 54 -18.71 25.82 -7.72
C GLU B 54 -17.27 26.35 -7.71
N GLU B 55 -16.29 25.46 -7.62
CA GLU B 55 -14.94 25.95 -7.38
C GLU B 55 -14.19 26.25 -8.66
N SER B 56 -14.56 25.61 -9.78
CA SER B 56 -13.85 25.78 -11.02
C SER B 56 -14.74 26.11 -12.20
N GLY B 57 -16.07 26.06 -12.03
CA GLY B 57 -17.00 26.24 -13.13
C GLY B 57 -17.16 25.04 -14.03
N LEU B 58 -16.36 24.00 -13.84
CA LEU B 58 -16.35 22.89 -14.78
C LEU B 58 -17.50 21.92 -14.53
N THR B 59 -18.02 21.38 -15.63
CA THR B 59 -18.98 20.30 -15.62
C THR B 59 -18.32 19.11 -16.30
N VAL B 60 -18.76 17.90 -15.94
CA VAL B 60 -18.10 16.68 -16.41
C VAL B 60 -19.15 15.62 -16.73
N ASP B 61 -18.83 14.80 -17.74
CA ASP B 61 -19.72 13.73 -18.18
C ASP B 61 -19.63 12.51 -17.25
N ALA B 62 -18.42 12.10 -16.88
CA ALA B 62 -18.25 10.93 -16.03
C ALA B 62 -17.14 11.16 -15.02
N LEU B 63 -17.43 10.89 -13.75
CA LEU B 63 -16.43 10.88 -12.69
C LEU B 63 -16.15 9.44 -12.28
N HIS B 64 -14.88 9.14 -12.09
CA HIS B 64 -14.46 7.80 -11.70
C HIS B 64 -13.95 7.85 -10.27
N LYS B 65 -14.43 6.92 -9.45
CA LYS B 65 -13.90 6.73 -8.11
C LYS B 65 -12.48 6.21 -8.23
N VAL B 66 -11.53 6.91 -7.60
CA VAL B 66 -10.15 6.45 -7.61
C VAL B 66 -9.63 6.16 -6.21
N GLY B 67 -10.21 6.70 -5.15
CA GLY B 67 -9.64 6.41 -3.84
C GLY B 67 -10.54 6.84 -2.71
N GLN B 68 -10.17 6.38 -1.52
CA GLN B 68 -10.71 6.87 -0.26
C GLN B 68 -9.53 7.07 0.67
N ILE B 69 -9.45 8.24 1.30
CA ILE B 69 -8.38 8.55 2.26
C ILE B 69 -9.04 9.02 3.54
N VAL B 70 -8.67 8.40 4.66
CA VAL B 70 -9.18 8.83 5.95
C VAL B 70 -8.07 9.61 6.62
N PHE B 71 -8.39 10.82 7.10
CA PHE B 71 -7.43 11.66 7.80
C PHE B 71 -7.87 11.76 9.24
N GLU B 72 -6.93 11.53 10.15
CA GLU B 72 -7.10 11.79 11.56
C GLU B 72 -6.14 12.89 11.98
N PHE B 73 -6.66 13.93 12.62
CA PHE B 73 -5.84 15.00 13.17
C PHE B 73 -5.80 14.89 14.68
N VAL B 74 -4.59 14.83 15.26
CA VAL B 74 -4.45 14.70 16.71
C VAL B 74 -5.21 15.82 17.38
N GLY B 75 -5.98 15.46 18.42
CA GLY B 75 -6.75 16.46 19.11
C GLY B 75 -8.08 16.82 18.47
N GLU B 76 -8.41 16.25 17.31
CA GLU B 76 -9.68 16.43 16.62
C GLU B 76 -10.40 15.10 16.77
N PRO B 77 -11.58 14.97 17.38
CA PRO B 77 -12.20 13.63 17.47
C PRO B 77 -12.81 13.12 16.17
N GLU B 78 -13.12 14.01 15.22
CA GLU B 78 -13.85 13.64 14.01
C GLU B 78 -12.87 13.34 12.88
N LEU B 79 -12.99 12.16 12.29
CA LEU B 79 -12.17 11.80 11.15
C LEU B 79 -12.71 12.44 9.88
N MET B 80 -11.81 12.74 8.95
CA MET B 80 -12.19 13.22 7.63
C MET B 80 -12.15 12.03 6.67
N ASP B 81 -13.28 11.71 6.07
CA ASP B 81 -13.37 10.55 5.18
C ASP B 81 -13.50 11.08 3.76
N VAL B 82 -12.38 11.12 3.03
CA VAL B 82 -12.28 11.83 1.76
C VAL B 82 -12.41 10.84 0.60
N HIS B 83 -13.44 11.01 -0.22
CA HIS B 83 -13.60 10.19 -1.41
C HIS B 83 -13.00 10.94 -2.59
N VAL B 84 -12.04 10.30 -3.28
CA VAL B 84 -11.26 10.92 -4.34
C VAL B 84 -11.77 10.41 -5.67
N PHE B 85 -12.01 11.34 -6.60
CA PHE B 85 -12.55 11.07 -7.92
C PHE B 85 -11.62 11.67 -8.96
N CYS B 86 -11.66 11.11 -10.15
CA CYS B 86 -10.82 11.59 -11.24
C CYS B 86 -11.65 11.76 -12.50
N THR B 87 -11.25 12.74 -13.32
CA THR B 87 -11.79 12.91 -14.66
C THR B 87 -10.73 13.47 -15.59
N ASP B 88 -10.79 13.06 -16.86
CA ASP B 88 -9.95 13.65 -17.89
C ASP B 88 -10.76 14.36 -18.96
N SER B 89 -12.07 14.17 -19.02
CA SER B 89 -12.94 14.80 -20.00
C SER B 89 -13.83 15.80 -19.27
N ILE B 90 -13.61 17.08 -19.54
CA ILE B 90 -14.35 18.17 -18.92
C ILE B 90 -15.12 18.92 -19.99
N GLN B 91 -16.21 19.57 -19.56
CA GLN B 91 -16.96 20.51 -20.38
C GLN B 91 -16.61 21.92 -19.91
N GLY B 92 -15.96 22.70 -20.78
CA GLY B 92 -15.72 24.10 -20.50
C GLY B 92 -14.28 24.42 -20.19
N THR B 93 -14.06 25.69 -19.81
CA THR B 93 -12.80 26.26 -19.36
C THR B 93 -12.86 26.51 -17.87
N PRO B 94 -11.84 26.15 -17.09
CA PRO B 94 -11.88 26.43 -15.66
C PRO B 94 -11.72 27.91 -15.39
N VAL B 95 -12.50 28.43 -14.45
CA VAL B 95 -12.38 29.82 -14.06
C VAL B 95 -12.31 29.94 -12.55
N GLU B 96 -11.68 31.03 -12.11
CA GLU B 96 -11.51 31.31 -10.70
C GLU B 96 -12.86 31.47 -10.00
N SER B 97 -12.93 30.99 -8.77
CA SER B 97 -14.09 31.20 -7.92
C SER B 97 -13.62 31.85 -6.63
N ASP B 98 -14.58 32.10 -5.74
CA ASP B 98 -14.26 32.69 -4.44
C ASP B 98 -13.38 31.75 -3.60
N GLU B 99 -13.46 30.44 -3.80
CA GLU B 99 -12.69 29.52 -2.97
C GLU B 99 -11.35 29.13 -3.59
N MET B 100 -11.28 29.04 -4.92
CA MET B 100 -10.12 28.43 -5.58
C MET B 100 -9.67 29.26 -6.77
N ARG B 101 -8.35 29.36 -6.94
CA ARG B 101 -7.79 29.86 -8.19
C ARG B 101 -7.25 28.68 -8.97
N PRO B 102 -7.89 28.24 -10.05
CA PRO B 102 -7.39 27.08 -10.80
C PRO B 102 -6.15 27.42 -11.60
N CYS B 103 -5.27 26.43 -11.72
CA CYS B 103 -4.12 26.49 -12.59
C CYS B 103 -3.75 25.08 -13.02
N TRP B 104 -3.27 24.97 -14.25
CA TRP B 104 -2.78 23.72 -14.77
C TRP B 104 -1.31 23.55 -14.41
N PHE B 105 -0.93 22.34 -14.04
CA PHE B 105 0.46 22.01 -13.81
C PHE B 105 0.84 20.83 -14.68
N GLN B 106 2.00 20.92 -15.34
CA GLN B 106 2.49 19.75 -16.04
C GLN B 106 2.74 18.61 -15.07
N LEU B 107 2.59 17.39 -15.54
CA LEU B 107 2.69 16.26 -14.62
C LEU B 107 4.09 16.09 -14.03
N ASP B 108 5.14 16.64 -14.67
CA ASP B 108 6.48 16.56 -14.10
C ASP B 108 6.84 17.77 -13.24
N GLN B 109 5.88 18.65 -12.94
CA GLN B 109 6.09 19.83 -12.09
C GLN B 109 4.94 20.00 -11.09
N ILE B 110 4.42 18.89 -10.60
CA ILE B 110 3.33 18.98 -9.61
C ILE B 110 3.88 19.60 -8.32
N PRO B 111 3.30 20.59 -7.85
CA PRO B 111 3.89 21.47 -6.82
C PRO B 111 3.81 20.88 -5.41
N PHE B 112 4.44 19.72 -5.23
CA PHE B 112 4.21 18.96 -3.99
C PHE B 112 4.59 19.74 -2.73
N LYS B 113 5.61 20.59 -2.80
CA LYS B 113 5.99 21.36 -1.62
C LYS B 113 4.92 22.36 -1.20
N ASP B 114 4.04 22.77 -2.11
CA ASP B 114 2.96 23.69 -1.80
C ASP B 114 1.60 23.00 -1.82
N MET B 115 1.58 21.72 -1.48
CA MET B 115 0.37 20.91 -1.36
C MET B 115 0.37 20.25 0.02
N TRP B 116 -0.76 19.66 0.40
CA TRP B 116 -0.79 18.86 1.61
C TRP B 116 0.26 17.75 1.51
N PRO B 117 1.02 17.49 2.57
CA PRO B 117 2.12 16.50 2.47
C PRO B 117 1.68 15.08 2.09
N ASP B 118 0.43 14.69 2.35
CA ASP B 118 0.01 13.34 1.97
C ASP B 118 0.01 13.13 0.46
N ASP B 119 -0.15 14.20 -0.32
CA ASP B 119 -0.29 14.05 -1.77
C ASP B 119 0.90 13.31 -2.39
N SER B 120 2.12 13.61 -1.94
CA SER B 120 3.30 12.94 -2.51
C SER B 120 3.26 11.44 -2.31
N TYR B 121 2.51 10.96 -1.32
CA TYR B 121 2.40 9.53 -1.07
C TYR B 121 1.43 8.86 -2.03
N TRP B 122 0.28 9.49 -2.32
CA TRP B 122 -0.75 8.76 -3.06
C TRP B 122 -0.87 9.18 -4.52
N PHE B 123 -0.30 10.33 -4.89
CA PHE B 123 -0.31 10.71 -6.31
C PHE B 123 0.30 9.65 -7.23
N PRO B 124 1.39 8.94 -6.90
CA PRO B 124 1.86 7.89 -7.83
C PRO B 124 0.75 6.91 -8.20
N LEU B 125 0.00 6.43 -7.21
CA LEU B 125 -1.11 5.52 -7.51
C LEU B 125 -2.17 6.20 -8.37
N LEU B 126 -2.48 7.46 -8.06
CA LEU B 126 -3.39 8.22 -8.91
C LEU B 126 -2.88 8.27 -10.35
N LEU B 127 -1.59 8.58 -10.52
CA LEU B 127 -1.08 8.77 -11.87
C LEU B 127 -0.96 7.45 -12.63
N GLN B 128 -0.82 6.32 -11.93
CA GLN B 128 -0.82 5.02 -12.58
C GLN B 128 -2.21 4.45 -12.81
N LYS B 129 -3.27 5.22 -12.51
CA LYS B 129 -4.65 4.79 -12.67
C LYS B 129 -4.98 3.58 -11.78
N LYS B 130 -4.40 3.55 -10.58
CA LYS B 130 -4.68 2.54 -9.58
C LYS B 130 -5.63 3.09 -8.52
N LYS B 131 -6.57 2.26 -8.07
CA LYS B 131 -7.45 2.62 -6.96
C LYS B 131 -6.77 2.34 -5.64
N PHE B 132 -7.13 3.11 -4.61
CA PHE B 132 -6.39 2.99 -3.36
C PHE B 132 -7.24 3.37 -2.15
N HIS B 133 -6.84 2.82 -1.01
CA HIS B 133 -7.33 3.21 0.30
C HIS B 133 -6.15 3.75 1.09
N GLY B 134 -6.31 4.92 1.68
CA GLY B 134 -5.25 5.52 2.47
C GLY B 134 -5.72 5.93 3.85
N TYR B 135 -4.76 6.02 4.75
CA TYR B 135 -4.99 6.54 6.10
C TYR B 135 -3.78 7.38 6.47
N PHE B 136 -4.01 8.59 6.97
CA PHE B 136 -2.92 9.45 7.40
C PHE B 136 -3.25 10.06 8.74
N LYS B 137 -2.34 9.94 9.70
CA LYS B 137 -2.52 10.63 10.97
C LYS B 137 -1.61 11.85 11.02
N PHE B 138 -2.22 13.03 11.20
CA PHE B 138 -1.53 14.30 11.20
C PHE B 138 -1.44 14.87 12.61
N GLN B 139 -0.29 15.49 12.91
CA GLN B 139 -0.16 16.42 14.02
C GLN B 139 -0.09 17.84 13.45
N GLY B 140 -1.14 18.62 13.69
CA GLY B 140 -1.15 19.91 13.03
C GLY B 140 -1.40 19.66 11.54
N GLN B 141 -0.97 20.62 10.72
CA GLN B 141 -1.23 20.55 9.30
C GLN B 141 0.01 20.21 8.46
N ASP B 142 1.18 20.09 9.06
CA ASP B 142 2.36 19.79 8.27
C ASP B 142 2.98 18.43 8.56
N THR B 143 2.58 17.73 9.63
CA THR B 143 3.33 16.58 10.14
C THR B 143 2.51 15.30 10.08
N ILE B 144 2.95 14.37 9.24
CA ILE B 144 2.35 13.04 9.19
C ILE B 144 3.06 12.20 10.24
N LEU B 145 2.29 11.65 11.18
CA LEU B 145 2.88 10.78 12.20
C LEU B 145 2.92 9.33 11.74
N ASP B 146 1.84 8.82 11.15
CA ASP B 146 1.81 7.48 10.59
C ASP B 146 0.87 7.48 9.39
N TYR B 147 0.97 6.43 8.56
CA TYR B 147 0.08 6.33 7.40
C TYR B 147 0.02 4.89 6.91
N THR B 148 -1.03 4.61 6.14
CA THR B 148 -1.10 3.37 5.37
C THR B 148 -1.66 3.71 4.00
N LEU B 149 -1.20 2.98 2.99
CA LEU B 149 -1.69 3.19 1.64
C LEU B 149 -1.69 1.84 0.95
N ARG B 150 -2.83 1.45 0.40
CA ARG B 150 -2.93 0.11 -0.17
C ARG B 150 -3.70 0.21 -1.47
N GLU B 151 -3.22 -0.46 -2.51
CA GLU B 151 -3.99 -0.48 -3.75
C GLU B 151 -5.15 -1.43 -3.55
N VAL B 152 -6.31 -1.09 -4.12
CA VAL B 152 -7.52 -1.87 -3.91
C VAL B 152 -8.20 -2.13 -5.25
N ASP B 153 -9.05 -3.16 -5.25
CA ASP B 153 -9.90 -3.44 -6.40
C ASP B 153 -11.23 -2.72 -6.34
N THR B 154 -11.77 -2.49 -5.15
CA THR B 154 -13.01 -1.76 -4.97
C THR B 154 -12.78 -0.60 -4.02
N VAL B 155 -13.13 0.61 -4.45
CA VAL B 155 -12.89 1.80 -3.62
C VAL B 155 -13.98 1.88 -2.54
#